data_5FJ1
#
_entry.id   5FJ1
#
_cell.length_a   84.052
_cell.length_b   84.360
_cell.length_c   174.499
_cell.angle_alpha   90.00
_cell.angle_beta   90.00
_cell.angle_gamma   90.00
#
_symmetry.space_group_name_H-M   'P 21 21 21'
#
loop_
_entity.id
_entity.type
_entity.pdbx_description
1 polymer HMKT-7
2 non-polymer 'MAGNESIUM ION'
3 non-polymer 'SODIUM ION'
4 water water
#
_entity_poly.entity_id   1
_entity_poly.type   'polyribonucleotide'
_entity_poly.pdbx_seq_one_letter_code
;UGGGGAGCCGAAAGGCGAAGAACC
;
_entity_poly.pdbx_strand_id   A,B,C,D,E,F,G,H
#